data_9NYU
#
_entry.id   9NYU
#
_cell.length_a   163.974
_cell.length_b   163.974
_cell.length_c   61.124
_cell.angle_alpha   90.000
_cell.angle_beta   90.000
_cell.angle_gamma   120.000
#
_symmetry.space_group_name_H-M   'P 31 2 1'
#
_entity_poly.entity_id   1
_entity_poly.type   'polypeptide(L)'
_entity_poly.pdbx_seq_one_letter_code
;MTTQQLKEKISKIIDNFSGIRVVFTTTANELKLSRIEGSALNSIAEGFIDKIKEDIINNEDLTSPLLSNFDDRKNALFKF
DYEQYPEEFNKITQAIAIPPNSQDYYNPLNKFTDVKGIIILISGDNKCLALYKNKTNLAVLRNSRKMFNLVPDPDGYLKQ
LPNEILRLDFNYDLFSIGEDFYIKNHKTLETQMKFHQVIEAQAVIALNSLRDSLLIEDISGLEKSSREISFARKLAKISK
HSPVLGKIDTKTIIDYVSQHKYLSAILQINEAGDKLLIKTKTSQKHFIKLMSDDYLQSDLTKIIYMSIAKDRLDE
;
_entity_poly.pdbx_strand_id   A,K
#
# COMPACT_ATOMS: atom_id res chain seq x y z
N MET A 1 -3.61 -3.84 -23.19
CA MET A 1 -2.26 -4.36 -23.00
C MET A 1 -2.16 -4.96 -21.59
N THR A 2 -2.06 -6.29 -21.53
CA THR A 2 -2.30 -7.03 -20.30
C THR A 2 -1.17 -6.84 -19.29
N THR A 3 -1.38 -7.40 -18.09
CA THR A 3 -0.38 -7.30 -17.03
C THR A 3 0.86 -8.13 -17.36
N GLN A 4 0.67 -9.33 -17.91
CA GLN A 4 1.81 -10.15 -18.31
C GLN A 4 2.63 -9.45 -19.38
N GLN A 5 1.96 -8.74 -20.30
CA GLN A 5 2.67 -7.99 -21.31
C GLN A 5 3.42 -6.81 -20.73
N LEU A 6 2.86 -6.18 -19.68
CA LEU A 6 3.62 -5.20 -18.94
C LEU A 6 4.87 -5.83 -18.33
N LYS A 7 4.73 -7.04 -17.80
CA LYS A 7 5.89 -7.72 -17.21
C LYS A 7 6.96 -7.99 -18.24
N GLU A 8 6.57 -8.40 -19.46
CA GLU A 8 7.59 -8.72 -20.46
C GLU A 8 8.21 -7.45 -21.04
N LYS A 9 7.44 -6.36 -21.17
CA LYS A 9 8.05 -5.10 -21.55
C LYS A 9 9.07 -4.67 -20.49
N ILE A 10 8.72 -4.82 -19.22
CA ILE A 10 9.61 -4.39 -18.14
C ILE A 10 10.87 -5.24 -18.12
N SER A 11 10.74 -6.55 -18.33
CA SER A 11 11.91 -7.41 -18.36
C SER A 11 12.75 -7.18 -19.61
N LYS A 12 12.13 -6.78 -20.73
CA LYS A 12 12.91 -6.43 -21.91
C LYS A 12 13.74 -5.19 -21.67
N ILE A 13 13.19 -4.20 -20.97
CA ILE A 13 13.99 -3.02 -20.64
C ILE A 13 15.05 -3.36 -19.60
N ILE A 14 14.69 -4.19 -18.60
CA ILE A 14 15.58 -4.47 -17.48
C ILE A 14 16.75 -5.33 -17.92
N ASP A 15 16.46 -6.51 -18.47
CA ASP A 15 17.49 -7.47 -18.84
C ASP A 15 18.32 -7.01 -20.03
N ASN A 16 17.89 -5.97 -20.74
CA ASN A 16 18.74 -5.32 -21.73
C ASN A 16 18.95 -3.87 -21.33
N PHE A 17 19.33 -3.65 -20.07
CA PHE A 17 19.53 -2.30 -19.55
C PHE A 17 20.63 -1.60 -20.32
N SER A 18 20.33 -0.43 -20.87
CA SER A 18 21.27 0.29 -21.72
C SER A 18 21.85 1.54 -21.06
N GLY A 19 21.10 2.20 -20.18
CA GLY A 19 21.57 3.39 -19.52
C GLY A 19 20.53 4.09 -18.68
N ILE A 20 20.95 5.00 -17.81
CA ILE A 20 20.03 5.72 -16.94
C ILE A 20 20.48 7.18 -16.88
N ARG A 21 19.52 8.10 -17.00
CA ARG A 21 19.78 9.53 -16.90
C ARG A 21 18.58 10.18 -16.23
N VAL A 22 18.84 11.15 -15.36
CA VAL A 22 17.84 11.71 -14.46
C VAL A 22 17.50 13.13 -14.89
N VAL A 23 16.21 13.44 -14.94
CA VAL A 23 15.71 14.77 -15.30
C VAL A 23 15.00 15.36 -14.09
N PHE A 24 15.34 16.59 -13.73
CA PHE A 24 14.63 17.34 -12.71
C PHE A 24 13.57 18.20 -13.39
N THR A 25 12.34 18.11 -12.93
CA THR A 25 11.30 19.05 -13.36
C THR A 25 11.18 20.14 -12.31
N THR A 26 11.28 21.40 -12.77
CA THR A 26 11.25 22.53 -11.85
C THR A 26 9.83 23.03 -11.67
N THR A 27 9.69 24.12 -10.93
CA THR A 27 8.39 24.73 -10.73
C THR A 27 7.95 25.56 -11.94
N ALA A 28 8.88 25.95 -12.80
CA ALA A 28 8.57 26.68 -14.02
C ALA A 28 8.24 25.77 -15.20
N ASN A 29 8.07 24.47 -14.95
CA ASN A 29 7.68 23.50 -15.98
C ASN A 29 8.71 23.47 -17.11
N GLU A 30 9.98 23.43 -16.75
CA GLU A 30 11.06 23.20 -17.68
C GLU A 30 11.93 22.07 -17.15
N LEU A 31 12.24 21.11 -18.02
CA LEU A 31 13.02 19.94 -17.62
C LEU A 31 14.49 20.30 -17.63
N LYS A 32 15.08 20.43 -16.45
CA LYS A 32 16.49 20.72 -16.27
C LYS A 32 17.23 19.42 -16.00
N LEU A 33 18.29 19.17 -16.74
CA LEU A 33 19.02 17.93 -16.57
C LEU A 33 19.90 18.00 -15.31
N SER A 34 20.14 16.84 -14.71
CA SER A 34 20.81 16.74 -13.42
C SER A 34 22.30 16.50 -13.59
N ARG A 35 23.01 16.49 -12.45
CA ARG A 35 24.46 16.33 -12.42
C ARG A 35 24.84 15.30 -11.34
N ILE A 36 24.29 14.10 -11.47
CA ILE A 36 24.51 13.05 -10.47
C ILE A 36 25.86 12.39 -10.74
N GLU A 37 26.64 12.22 -9.67
CA GLU A 37 27.95 11.59 -9.78
C GLU A 37 27.82 10.14 -10.23
N GLY A 38 28.87 9.65 -10.91
CA GLY A 38 28.80 8.34 -11.55
C GLY A 38 28.59 7.18 -10.59
N SER A 39 29.32 7.19 -9.47
CA SER A 39 29.17 6.09 -8.51
C SER A 39 27.79 6.09 -7.88
N ALA A 40 27.33 7.27 -7.44
CA ALA A 40 25.97 7.39 -6.95
C ALA A 40 24.97 7.04 -8.03
N LEU A 41 25.27 7.36 -9.29
CA LEU A 41 24.39 6.99 -10.39
C LEU A 41 24.27 5.47 -10.53
N ASN A 42 25.38 4.75 -10.46
CA ASN A 42 25.33 3.28 -10.53
C ASN A 42 24.55 2.72 -9.36
N SER A 43 24.78 3.25 -8.15
CA SER A 43 24.01 2.80 -7.00
C SER A 43 22.52 3.05 -7.20
N ILE A 44 22.16 4.23 -7.73
CA ILE A 44 20.77 4.57 -7.99
C ILE A 44 20.17 3.59 -8.99
N ALA A 45 20.90 3.33 -10.07
CA ALA A 45 20.46 2.39 -11.09
C ALA A 45 20.18 1.02 -10.47
N GLU A 46 21.14 0.48 -9.73
CA GLU A 46 20.97 -0.81 -9.08
C GLU A 46 19.72 -0.81 -8.20
N GLY A 47 19.61 0.17 -7.30
CA GLY A 47 18.50 0.19 -6.37
C GLY A 47 17.15 0.27 -7.05
N PHE A 48 17.03 1.16 -8.04
CA PHE A 48 15.76 1.31 -8.74
C PHE A 48 15.43 0.08 -9.57
N ILE A 49 16.43 -0.55 -10.19
CA ILE A 49 16.18 -1.78 -10.93
C ILE A 49 15.66 -2.86 -10.00
N ASP A 50 16.29 -3.02 -8.83
CA ASP A 50 15.81 -3.98 -7.85
C ASP A 50 14.39 -3.65 -7.42
N LYS A 51 14.10 -2.37 -7.22
CA LYS A 51 12.74 -1.97 -6.83
C LYS A 51 11.73 -2.33 -7.90
N ILE A 52 12.08 -2.10 -9.18
CA ILE A 52 11.19 -2.45 -10.28
C ILE A 52 10.96 -3.95 -10.33
N LYS A 53 12.03 -4.74 -10.17
CA LYS A 53 11.88 -6.19 -10.14
C LYS A 53 10.95 -6.61 -9.01
N GLU A 54 11.19 -6.09 -7.81
CA GLU A 54 10.39 -6.47 -6.64
C GLU A 54 8.92 -6.07 -6.80
N ASP A 55 8.65 -4.96 -7.48
CA ASP A 55 7.27 -4.49 -7.63
C ASP A 55 6.56 -4.99 -8.89
N ILE A 56 7.31 -5.43 -9.91
CA ILE A 56 6.70 -5.79 -11.19
C ILE A 56 7.12 -7.18 -11.67
N ILE A 57 8.44 -7.41 -11.74
CA ILE A 57 8.93 -8.63 -12.39
C ILE A 57 8.61 -9.85 -11.54
N ASN A 58 9.15 -9.91 -10.33
CA ASN A 58 8.90 -11.05 -9.46
C ASN A 58 7.58 -10.92 -8.70
N ASN A 59 6.91 -9.78 -8.82
CA ASN A 59 5.62 -9.56 -8.17
C ASN A 59 4.56 -10.39 -8.87
N GLU A 60 4.20 -11.52 -8.26
CA GLU A 60 3.20 -12.40 -8.84
C GLU A 60 1.79 -11.86 -8.61
N ASP A 61 1.56 -11.16 -7.51
CA ASP A 61 0.26 -10.56 -7.24
C ASP A 61 0.17 -9.13 -7.75
N LEU A 62 0.93 -8.80 -8.78
CA LEU A 62 0.84 -7.49 -9.42
C LEU A 62 -0.37 -7.48 -10.34
N THR A 63 -1.28 -6.55 -10.09
CA THR A 63 -2.48 -6.40 -10.91
C THR A 63 -2.46 -5.04 -11.60
N SER A 64 -2.99 -5.00 -12.82
CA SER A 64 -3.02 -3.79 -13.63
C SER A 64 -4.47 -3.46 -14.00
N PRO A 65 -5.25 -2.92 -13.05
CA PRO A 65 -6.60 -2.46 -13.39
C PRO A 65 -6.59 -0.98 -13.73
N LEU A 66 -7.75 -0.43 -14.08
CA LEU A 66 -7.83 0.96 -14.49
C LEU A 66 -7.85 1.90 -13.28
N LEU A 67 -7.28 3.10 -13.49
CA LEU A 67 -7.30 4.10 -12.42
C LEU A 67 -8.72 4.51 -12.08
N SER A 68 -9.58 4.66 -13.10
CA SER A 68 -10.98 4.95 -12.86
C SER A 68 -11.69 3.79 -12.17
N ASN A 69 -11.12 2.60 -12.19
CA ASN A 69 -11.64 1.46 -11.42
C ASN A 69 -10.88 1.34 -10.10
N PHE A 70 -10.83 2.44 -9.37
CA PHE A 70 -10.02 2.51 -8.15
C PHE A 70 -10.59 1.62 -7.06
N ASP A 71 -9.73 0.74 -6.53
CA ASP A 71 -10.02 -0.03 -5.32
C ASP A 71 -8.77 -0.07 -4.47
N ASP A 72 -8.85 -0.77 -3.34
CA ASP A 72 -7.75 -0.82 -2.37
C ASP A 72 -6.97 -2.12 -2.58
N ARG A 73 -5.93 -2.05 -3.40
CA ARG A 73 -5.06 -3.19 -3.66
C ARG A 73 -3.62 -2.75 -3.53
N LYS A 74 -2.91 -3.37 -2.58
CA LYS A 74 -1.49 -3.15 -2.45
C LYS A 74 -0.74 -3.96 -3.50
N ASN A 75 0.44 -3.47 -3.88
CA ASN A 75 1.21 -4.04 -4.99
C ASN A 75 0.37 -4.08 -6.27
N ALA A 76 -0.19 -2.92 -6.63
CA ALA A 76 -1.07 -2.79 -7.78
C ALA A 76 -0.74 -1.51 -8.53
N LEU A 77 -0.50 -1.62 -9.83
CA LEU A 77 -0.21 -0.49 -10.69
C LEU A 77 -1.41 -0.18 -11.58
N PHE A 78 -2.00 1.00 -11.38
CA PHE A 78 -3.23 1.38 -12.06
C PHE A 78 -2.92 1.97 -13.43
N LYS A 79 -3.64 1.51 -14.45
CA LYS A 79 -3.50 2.06 -15.80
C LYS A 79 -4.24 3.39 -15.89
N PHE A 80 -3.55 4.43 -16.31
CA PHE A 80 -4.16 5.75 -16.47
C PHE A 80 -5.07 5.75 -17.69
N ASP A 81 -6.38 5.72 -17.46
CA ASP A 81 -7.36 5.59 -18.53
C ASP A 81 -8.19 6.86 -18.72
N TYR A 82 -7.72 7.98 -18.19
CA TYR A 82 -8.44 9.23 -18.35
C TYR A 82 -7.94 9.98 -19.58
N GLU A 83 -8.73 10.96 -20.00
CA GLU A 83 -8.37 11.76 -21.16
C GLU A 83 -7.43 12.90 -20.81
N GLN A 84 -7.39 13.33 -19.56
CA GLN A 84 -6.65 14.52 -19.16
C GLN A 84 -5.28 14.11 -18.63
N TYR A 85 -4.23 14.59 -19.30
CA TYR A 85 -2.87 14.41 -18.83
C TYR A 85 -2.51 15.64 -18.03
N PRO A 86 -2.39 15.57 -16.70
CA PRO A 86 -1.84 16.71 -15.95
C PRO A 86 -0.50 17.10 -16.53
N GLU A 87 -0.15 18.38 -16.34
CA GLU A 87 1.00 18.96 -17.04
C GLU A 87 2.26 18.14 -16.83
N GLU A 88 2.39 17.49 -15.67
CA GLU A 88 3.56 16.66 -15.41
C GLU A 88 3.60 15.43 -16.31
N PHE A 89 2.45 14.94 -16.78
CA PHE A 89 2.45 13.84 -17.74
C PHE A 89 3.11 14.27 -19.04
N ASN A 90 2.74 15.45 -19.54
CA ASN A 90 3.38 15.99 -20.74
C ASN A 90 4.86 16.30 -20.48
N LYS A 91 5.18 16.74 -19.26
CA LYS A 91 6.58 17.00 -18.92
C LYS A 91 7.39 15.71 -18.94
N ILE A 92 6.79 14.59 -18.52
CA ILE A 92 7.48 13.31 -18.56
C ILE A 92 7.61 12.82 -20.00
N THR A 93 6.57 13.04 -20.81
CA THR A 93 6.65 12.71 -22.23
C THR A 93 7.81 13.42 -22.91
N GLN A 94 7.97 14.72 -22.62
CA GLN A 94 9.12 15.44 -23.16
C GLN A 94 10.43 15.06 -22.46
N ALA A 95 10.35 14.58 -21.22
CA ALA A 95 11.55 14.16 -20.51
C ALA A 95 12.14 12.91 -21.12
N ILE A 96 11.29 12.05 -21.69
CA ILE A 96 11.79 10.87 -22.39
C ILE A 96 12.78 11.26 -23.48
N ALA A 97 12.59 12.43 -24.10
CA ALA A 97 13.25 12.74 -25.36
C ALA A 97 14.03 14.04 -25.31
N ILE A 98 14.74 14.30 -24.22
CA ILE A 98 15.81 15.30 -24.34
C ILE A 98 16.97 14.70 -25.10
N PRO A 99 17.44 15.32 -26.18
CA PRO A 99 18.59 14.80 -26.91
C PRO A 99 19.80 14.74 -26.01
N PRO A 100 20.64 13.72 -26.16
CA PRO A 100 21.80 13.57 -25.26
C PRO A 100 22.78 14.74 -25.33
N ASN A 101 22.83 15.48 -26.44
CA ASN A 101 23.77 16.59 -26.59
C ASN A 101 23.26 17.90 -26.00
N SER A 102 22.12 17.89 -25.31
CA SER A 102 21.54 19.13 -24.79
C SER A 102 22.30 19.62 -23.57
N GLN A 103 22.51 20.93 -23.51
CA GLN A 103 23.19 21.58 -22.39
C GLN A 103 22.21 22.24 -21.42
N ASP A 104 20.92 21.89 -21.50
CA ASP A 104 19.90 22.43 -20.61
C ASP A 104 20.05 21.72 -19.26
N TYR A 105 21.01 22.19 -18.47
CA TYR A 105 21.37 21.55 -17.21
C TYR A 105 20.85 22.37 -16.03
N TYR A 106 20.64 21.68 -14.91
CA TYR A 106 20.08 22.31 -13.71
C TYR A 106 21.19 22.99 -12.93
N ASN A 107 21.06 24.30 -12.71
CA ASN A 107 22.01 25.03 -11.89
C ASN A 107 21.77 24.72 -10.43
N PRO A 108 22.77 24.24 -9.69
CA PRO A 108 22.53 23.79 -8.31
C PRO A 108 22.53 24.90 -7.27
N LEU A 109 22.77 26.14 -7.68
CA LEU A 109 22.57 27.27 -6.77
C LEU A 109 21.11 27.43 -6.36
N ASN A 110 20.19 26.72 -7.02
CA ASN A 110 18.78 26.81 -6.72
C ASN A 110 18.42 26.18 -5.39
N LYS A 111 19.39 25.54 -4.71
CA LYS A 111 19.23 24.98 -3.37
C LYS A 111 18.14 23.91 -3.32
N PHE A 112 17.76 23.36 -4.47
CA PHE A 112 16.80 22.26 -4.58
C PHE A 112 15.44 22.62 -3.98
N THR A 113 15.12 23.91 -3.97
CA THR A 113 13.76 24.35 -3.70
C THR A 113 12.97 24.58 -4.99
N ASP A 114 13.65 24.75 -6.12
CA ASP A 114 13.00 24.75 -7.41
C ASP A 114 12.64 23.36 -7.88
N VAL A 115 13.26 22.33 -7.30
CA VAL A 115 12.95 20.95 -7.67
C VAL A 115 11.51 20.66 -7.24
N LYS A 116 10.66 20.41 -8.22
CA LYS A 116 9.26 20.04 -8.01
C LYS A 116 9.02 18.54 -8.11
N GLY A 117 9.72 17.88 -9.04
CA GLY A 117 9.73 16.44 -9.14
C GLY A 117 11.05 15.98 -9.73
N ILE A 118 11.22 14.65 -9.77
CA ILE A 118 12.44 14.01 -10.24
C ILE A 118 12.05 12.90 -11.20
N ILE A 119 12.69 12.87 -12.36
CA ILE A 119 12.36 11.92 -13.42
C ILE A 119 13.55 10.98 -13.62
N ILE A 120 13.31 9.68 -13.47
CA ILE A 120 14.34 8.66 -13.60
C ILE A 120 14.13 7.94 -14.93
N LEU A 121 15.02 8.18 -15.89
CA LEU A 121 14.88 7.59 -17.22
C LEU A 121 15.73 6.32 -17.27
N ILE A 122 15.07 5.18 -17.12
CA ILE A 122 15.71 3.88 -17.21
C ILE A 122 15.45 3.34 -18.61
N SER A 123 16.50 3.19 -19.41
CA SER A 123 16.36 2.77 -20.80
C SER A 123 16.81 1.34 -21.00
N GLY A 124 16.18 0.67 -21.96
CA GLY A 124 16.46 -0.73 -22.26
C GLY A 124 15.70 -1.23 -23.47
N ASP A 125 16.34 -2.11 -24.25
CA ASP A 125 15.76 -2.64 -25.47
C ASP A 125 15.31 -1.51 -26.41
N ASN A 126 16.13 -0.46 -26.47
CA ASN A 126 15.88 0.72 -27.31
C ASN A 126 14.54 1.37 -26.96
N LYS A 127 14.06 1.16 -25.75
CA LYS A 127 12.89 1.83 -25.21
C LYS A 127 13.33 2.60 -23.96
N CYS A 128 12.48 3.50 -23.50
CA CYS A 128 12.83 4.36 -22.37
C CYS A 128 11.67 4.38 -21.38
N LEU A 129 11.81 3.62 -20.30
CA LEU A 129 10.89 3.72 -19.17
C LEU A 129 11.20 4.97 -18.35
N ALA A 130 10.16 5.63 -17.85
CA ALA A 130 10.36 6.88 -17.12
C ALA A 130 9.60 6.84 -15.81
N LEU A 131 10.33 6.95 -14.69
CA LEU A 131 9.76 7.01 -13.36
C LEU A 131 9.65 8.45 -12.89
N TYR A 132 8.68 8.72 -12.02
CA TYR A 132 8.46 10.04 -11.45
C TYR A 132 8.38 9.95 -9.95
N LYS A 133 9.16 10.79 -9.27
CA LYS A 133 9.19 10.95 -7.83
C LYS A 133 8.96 12.43 -7.56
N ASN A 134 8.53 12.78 -6.35
CA ASN A 134 8.34 14.19 -6.04
C ASN A 134 9.39 14.67 -5.05
N LYS A 135 9.41 15.98 -4.84
CA LYS A 135 10.36 16.59 -3.90
C LYS A 135 9.58 16.84 -2.61
N THR A 136 9.52 15.81 -1.78
CA THR A 136 8.86 15.86 -0.49
C THR A 136 9.67 16.72 0.48
N ASN A 137 9.02 17.14 1.57
CA ASN A 137 9.80 17.69 2.66
C ASN A 137 10.86 16.66 3.00
N LEU A 138 12.08 17.13 3.18
CA LEU A 138 13.19 16.18 3.19
C LEU A 138 13.18 15.35 4.46
N ALA A 139 12.14 14.50 4.60
CA ALA A 139 11.84 13.65 5.75
C ALA A 139 12.34 14.16 7.10
N VAL A 140 12.87 15.39 7.14
CA VAL A 140 13.61 15.91 8.29
C VAL A 140 14.60 14.84 8.73
N LEU A 141 15.70 14.68 7.99
CA LEU A 141 16.75 13.76 8.40
C LEU A 141 17.72 14.55 9.28
N ARG A 142 17.72 14.25 10.57
CA ARG A 142 18.55 14.93 11.55
C ARG A 142 19.82 14.13 11.77
N ASN A 143 20.95 14.82 11.82
CA ASN A 143 22.23 14.20 12.13
C ASN A 143 22.75 14.81 13.42
N SER A 144 23.54 14.03 14.16
CA SER A 144 24.06 14.56 15.40
C SER A 144 24.97 15.74 15.10
N ARG A 145 24.81 16.81 15.87
CA ARG A 145 25.61 18.01 15.74
C ARG A 145 26.66 17.95 16.83
N LYS A 146 27.91 17.90 16.42
CA LYS A 146 29.00 17.71 17.35
C LYS A 146 29.87 18.96 17.31
N MET A 147 29.23 20.13 17.42
CA MET A 147 29.93 21.40 17.27
C MET A 147 31.18 21.41 18.13
N PHE A 148 31.00 21.23 19.45
CA PHE A 148 32.06 21.17 20.46
C PHE A 148 33.31 21.90 20.00
N ASN A 149 34.42 21.18 19.91
CA ASN A 149 35.60 21.67 19.21
C ASN A 149 35.58 21.27 17.73
N LEU A 150 35.55 19.97 17.46
CA LEU A 150 35.56 19.48 16.08
C LEU A 150 34.37 18.56 15.86
N ASP A 153 31.85 15.63 21.04
CA ASP A 153 30.60 15.86 21.76
C ASP A 153 29.89 14.55 22.08
N PRO A 154 30.25 13.90 23.19
CA PRO A 154 29.54 12.68 23.59
C PRO A 154 28.15 12.96 24.16
N ASP A 155 27.76 14.24 24.21
CA ASP A 155 26.44 14.65 24.67
C ASP A 155 25.74 15.50 23.62
N GLY A 156 26.25 15.53 22.39
CA GLY A 156 25.63 16.28 21.31
C GLY A 156 24.20 15.83 21.08
N TYR A 157 23.51 16.60 20.25
CA TYR A 157 22.09 16.36 20.03
C TYR A 157 21.82 16.26 18.53
N LEU A 158 20.68 15.67 18.19
CA LEU A 158 20.32 15.44 16.80
C LEU A 158 19.66 16.67 16.20
N LYS A 159 20.07 17.04 14.99
CA LYS A 159 19.62 18.26 14.35
C LYS A 159 19.85 18.12 12.85
N GLN A 160 18.80 18.40 12.07
CA GLN A 160 18.98 18.51 10.62
C GLN A 160 19.84 19.73 10.31
N LEU A 161 20.90 19.52 9.51
CA LEU A 161 21.81 20.64 9.25
C LEU A 161 21.46 21.30 7.92
N PRO A 162 21.71 20.69 6.74
CA PRO A 162 21.39 21.41 5.49
C PRO A 162 19.90 21.55 5.27
N ASN A 163 19.19 20.43 5.37
CA ASN A 163 17.76 20.34 5.07
C ASN A 163 17.43 21.01 3.73
N GLU A 164 18.35 20.84 2.78
CA GLU A 164 18.15 21.19 1.38
C GLU A 164 18.59 20.06 0.46
N ILE A 165 19.01 18.93 1.03
CA ILE A 165 19.61 17.81 0.31
C ILE A 165 18.53 17.02 -0.41
N LEU A 166 18.80 16.67 -1.67
CA LEU A 166 17.85 15.89 -2.46
C LEU A 166 17.73 14.47 -1.93
N ARG A 167 16.53 13.89 -2.06
CA ARG A 167 16.24 12.62 -1.40
C ARG A 167 16.17 11.42 -2.36
N LEU A 168 15.05 11.26 -3.08
CA LEU A 168 14.82 10.11 -3.96
C LEU A 168 14.98 8.78 -3.20
N ASP A 169 14.16 8.60 -2.17
CA ASP A 169 14.14 7.37 -1.38
C ASP A 169 13.77 6.11 -2.17
N PHE A 170 14.17 6.02 -3.46
CA PHE A 170 13.98 4.80 -4.27
C PHE A 170 12.52 4.33 -4.32
N ASN A 171 11.62 5.23 -4.70
CA ASN A 171 10.20 4.90 -4.66
C ASN A 171 9.48 5.73 -5.72
N TYR A 172 9.18 5.08 -6.84
CA TYR A 172 8.43 5.72 -7.90
C TYR A 172 6.96 5.88 -7.52
N ASP A 173 6.44 7.09 -7.69
CA ASP A 173 5.02 7.33 -7.50
C ASP A 173 4.21 6.95 -8.74
N LEU A 174 4.84 6.93 -9.91
CA LEU A 174 4.19 6.62 -11.18
C LEU A 174 5.27 6.48 -12.23
N PHE A 175 4.94 5.80 -13.33
CA PHE A 175 5.90 5.65 -14.41
C PHE A 175 5.17 5.59 -15.75
N SER A 176 5.94 5.66 -16.82
CA SER A 176 5.41 5.68 -18.18
C SER A 176 6.27 4.81 -19.06
N ILE A 177 5.64 3.85 -19.72
CA ILE A 177 6.29 3.01 -20.73
C ILE A 177 5.64 3.30 -22.08
N GLY A 178 6.46 3.63 -23.07
CA GLY A 178 5.94 4.02 -24.38
C GLY A 178 5.06 5.24 -24.22
N GLU A 179 3.76 5.09 -24.49
CA GLU A 179 2.79 6.15 -24.28
C GLU A 179 1.68 5.68 -23.37
N ASP A 180 2.05 4.93 -22.33
CA ASP A 180 1.09 4.35 -21.41
C ASP A 180 1.58 4.61 -20.00
N PHE A 181 0.79 5.33 -19.21
CA PHE A 181 1.14 5.75 -17.87
C PHE A 181 0.51 4.83 -16.83
N TYR A 182 1.27 4.56 -15.77
CA TYR A 182 0.85 3.69 -14.68
C TYR A 182 1.12 4.41 -13.37
N ILE A 183 0.23 4.21 -12.39
CA ILE A 183 0.26 4.94 -11.13
C ILE A 183 0.45 3.94 -9.99
N LYS A 184 1.38 4.24 -9.09
CA LYS A 184 1.56 3.49 -7.85
C LYS A 184 1.04 4.26 -6.64
N ASN A 185 1.55 5.47 -6.41
CA ASN A 185 1.11 6.33 -5.31
C ASN A 185 0.04 7.27 -5.82
N HIS A 186 -1.23 6.88 -5.65
CA HIS A 186 -2.35 7.66 -6.17
C HIS A 186 -2.46 9.03 -5.51
N LYS A 187 -2.07 9.13 -4.24
CA LYS A 187 -2.12 10.41 -3.54
C LYS A 187 -1.27 11.45 -4.26
N THR A 188 -0.14 11.03 -4.83
CA THR A 188 0.70 11.95 -5.60
C THR A 188 -0.05 12.50 -6.80
N LEU A 189 -0.76 11.64 -7.53
CA LEU A 189 -1.50 12.08 -8.70
C LEU A 189 -2.64 13.03 -8.31
N GLU A 190 -3.43 12.64 -7.31
CA GLU A 190 -4.58 13.46 -6.93
C GLU A 190 -4.18 14.77 -6.27
N THR A 191 -3.00 14.84 -5.64
CA THR A 191 -2.60 16.04 -4.92
C THR A 191 -1.61 16.87 -5.74
N GLN A 192 -0.41 16.36 -5.95
CA GLN A 192 0.64 17.13 -6.61
C GLN A 192 0.25 17.49 -8.04
N MET A 193 -0.12 16.48 -8.84
CA MET A 193 -0.53 16.71 -10.22
C MET A 193 -1.93 17.31 -10.33
N LYS A 194 -2.62 17.51 -9.21
CA LYS A 194 -3.94 18.14 -9.19
C LYS A 194 -4.93 17.38 -10.07
N PHE A 195 -5.05 16.08 -9.79
CA PHE A 195 -6.06 15.26 -10.46
C PHE A 195 -7.42 15.30 -9.80
N HIS A 196 -7.52 15.87 -8.59
CA HIS A 196 -8.77 15.82 -7.86
C HIS A 196 -9.91 16.51 -8.59
N GLN A 197 -9.61 17.49 -9.45
CA GLN A 197 -10.64 18.14 -10.24
C GLN A 197 -11.39 17.15 -11.12
N VAL A 198 -10.66 16.31 -11.84
CA VAL A 198 -11.30 15.35 -12.73
C VAL A 198 -12.16 14.38 -11.93
N ILE A 199 -11.65 13.90 -10.80
CA ILE A 199 -12.37 12.93 -9.98
C ILE A 199 -13.61 13.55 -9.37
N GLU A 200 -13.50 14.78 -8.86
CA GLU A 200 -14.66 15.45 -8.28
C GLU A 200 -15.70 15.78 -9.34
N ALA A 201 -15.28 16.12 -10.56
CA ALA A 201 -16.26 16.35 -11.62
C ALA A 201 -17.00 15.06 -11.98
N GLN A 202 -16.27 13.95 -12.10
CA GLN A 202 -16.93 12.67 -12.37
C GLN A 202 -17.82 12.26 -11.20
N ALA A 203 -17.43 12.63 -9.98
CA ALA A 203 -18.24 12.36 -8.81
C ALA A 203 -19.53 13.17 -8.82
N VAL A 204 -19.45 14.42 -9.30
CA VAL A 204 -20.66 15.22 -9.47
C VAL A 204 -21.56 14.59 -10.52
N ILE A 205 -20.96 14.06 -11.60
CA ILE A 205 -21.76 13.33 -12.58
C ILE A 205 -22.48 12.17 -11.90
N ALA A 206 -21.77 11.44 -11.04
CA ALA A 206 -22.38 10.33 -10.31
C ALA A 206 -23.49 10.81 -9.38
N LEU A 207 -23.24 11.91 -8.67
CA LEU A 207 -24.27 12.49 -7.80
C LEU A 207 -25.52 12.87 -8.60
N ASN A 208 -25.33 13.46 -9.77
CA ASN A 208 -26.46 13.82 -10.61
C ASN A 208 -27.22 12.58 -11.05
N SER A 209 -26.49 11.54 -11.46
CA SER A 209 -27.16 10.29 -11.84
C SER A 209 -27.89 9.68 -10.66
N LEU A 210 -27.37 9.86 -9.44
CA LEU A 210 -28.03 9.30 -8.26
C LEU A 210 -29.31 10.06 -7.91
N ARG A 211 -29.25 11.39 -7.93
CA ARG A 211 -30.46 12.15 -7.66
C ARG A 211 -31.50 11.94 -8.76
N ASP A 212 -31.06 11.87 -10.02
CA ASP A 212 -32.00 11.63 -11.11
C ASP A 212 -32.54 10.21 -11.08
N SER A 213 -31.77 9.25 -10.56
CA SER A 213 -32.23 7.87 -10.43
C SER A 213 -33.30 7.73 -9.34
N LEU A 214 -33.38 8.69 -8.43
CA LEU A 214 -34.38 8.70 -7.37
C LEU A 214 -34.31 7.42 -6.53
N LEU A 215 -33.09 7.03 -6.16
CA LEU A 215 -32.91 5.85 -5.34
C LEU A 215 -32.88 6.21 -3.85
N ILE A 216 -32.26 7.32 -3.49
CA ILE A 216 -32.15 7.73 -2.10
C ILE A 216 -33.15 8.85 -1.83
N GLU A 217 -33.34 9.15 -0.55
CA GLU A 217 -34.23 10.24 -0.14
C GLU A 217 -33.50 11.57 -0.09
N ASP A 218 -32.60 11.72 0.88
CA ASP A 218 -31.85 12.96 1.04
C ASP A 218 -30.42 12.67 0.59
N ILE A 219 -29.96 13.40 -0.43
CA ILE A 219 -28.62 13.23 -0.96
C ILE A 219 -27.63 14.20 -0.32
N SER A 220 -28.09 15.12 0.53
CA SER A 220 -27.20 16.04 1.21
C SER A 220 -26.14 15.29 2.00
N GLY A 221 -26.47 14.09 2.49
CA GLY A 221 -25.42 13.28 3.09
C GLY A 221 -24.32 12.95 2.10
N LEU A 222 -24.67 12.43 0.92
CA LEU A 222 -23.64 12.14 -0.09
C LEU A 222 -23.03 13.42 -0.64
N GLU A 223 -23.82 14.48 -0.81
CA GLU A 223 -23.25 15.74 -1.28
C GLU A 223 -22.24 16.29 -0.27
N LYS A 224 -22.53 16.14 1.03
CA LYS A 224 -21.58 16.49 2.08
C LYS A 224 -20.32 15.64 1.98
N SER A 225 -20.49 14.33 1.79
CA SER A 225 -19.35 13.41 1.73
C SER A 225 -18.56 13.55 0.44
N SER A 226 -19.14 14.20 -0.57
CA SER A 226 -18.46 14.35 -1.85
C SER A 226 -17.32 15.36 -1.81
N ARG A 227 -17.26 16.22 -0.79
CA ARG A 227 -16.14 17.14 -0.70
C ARG A 227 -14.86 16.41 -0.34
N GLU A 228 -14.95 15.26 0.34
CA GLU A 228 -13.79 14.42 0.59
C GLU A 228 -13.46 13.62 -0.65
N ILE A 229 -12.16 13.44 -0.90
CA ILE A 229 -11.73 12.77 -2.12
C ILE A 229 -11.88 11.25 -1.99
N SER A 230 -11.86 10.71 -0.76
CA SER A 230 -12.02 9.27 -0.58
C SER A 230 -13.40 8.81 -1.01
N PHE A 231 -14.40 9.69 -0.95
CA PHE A 231 -15.73 9.40 -1.49
C PHE A 231 -15.85 9.81 -2.95
N ALA A 232 -15.09 10.81 -3.39
CA ALA A 232 -15.16 11.23 -4.78
C ALA A 232 -14.59 10.16 -5.72
N ARG A 233 -13.54 9.47 -5.29
CA ARG A 233 -13.00 8.39 -6.12
C ARG A 233 -14.02 7.27 -6.30
N LYS A 234 -14.73 6.92 -5.23
CA LYS A 234 -15.74 5.87 -5.30
C LYS A 234 -16.95 6.32 -6.12
N LEU A 235 -17.30 7.60 -6.04
CA LEU A 235 -18.39 8.12 -6.85
C LEU A 235 -18.00 8.11 -8.34
N ALA A 236 -16.74 8.42 -8.64
CA ALA A 236 -16.28 8.34 -10.03
C ALA A 236 -16.27 6.89 -10.51
N LYS A 237 -15.82 5.96 -9.67
CA LYS A 237 -15.86 4.54 -10.02
C LYS A 237 -17.28 4.09 -10.33
N ILE A 238 -18.25 4.52 -9.53
CA ILE A 238 -19.63 4.15 -9.81
C ILE A 238 -20.11 4.81 -11.10
N SER A 239 -19.72 6.06 -11.33
CA SER A 239 -20.16 6.78 -12.52
C SER A 239 -19.63 6.16 -13.80
N LYS A 240 -18.46 5.52 -13.74
CA LYS A 240 -17.85 4.98 -14.95
C LYS A 240 -17.93 3.46 -15.09
N HIS A 241 -18.22 2.73 -14.00
CA HIS A 241 -18.12 1.28 -14.08
C HIS A 241 -19.27 0.52 -13.41
N SER A 242 -20.17 1.19 -12.71
CA SER A 242 -21.19 0.50 -11.94
C SER A 242 -21.99 -0.46 -12.80
N PRO A 243 -21.96 -1.77 -12.53
CA PRO A 243 -22.86 -2.70 -13.19
C PRO A 243 -24.27 -2.72 -12.62
N VAL A 244 -24.57 -1.81 -11.71
CA VAL A 244 -25.88 -1.72 -11.08
C VAL A 244 -26.61 -0.43 -11.46
N LEU A 245 -25.94 0.71 -11.30
CA LEU A 245 -26.54 1.97 -11.72
C LEU A 245 -26.71 2.01 -13.23
N GLY A 246 -27.94 2.29 -13.68
CA GLY A 246 -28.23 2.37 -15.10
C GLY A 246 -28.46 1.05 -15.78
N LYS A 247 -28.14 -0.06 -15.13
CA LYS A 247 -28.35 -1.39 -15.71
C LYS A 247 -29.59 -2.06 -15.14
N ILE A 248 -29.62 -2.29 -13.85
CA ILE A 248 -30.77 -2.93 -13.21
C ILE A 248 -31.73 -1.83 -12.78
N ASP A 249 -33.03 -2.08 -12.94
CA ASP A 249 -34.03 -1.08 -12.59
C ASP A 249 -34.07 -0.82 -11.08
N THR A 250 -34.73 0.27 -10.72
CA THR A 250 -34.74 0.74 -9.33
C THR A 250 -35.53 -0.19 -8.41
N LYS A 251 -36.70 -0.67 -8.85
CA LYS A 251 -37.50 -1.54 -8.00
C LYS A 251 -36.76 -2.83 -7.65
N THR A 252 -36.03 -3.38 -8.62
CA THR A 252 -35.22 -4.57 -8.33
C THR A 252 -34.19 -4.28 -7.25
N ILE A 253 -33.58 -3.10 -7.28
CA ILE A 253 -32.60 -2.73 -6.25
C ILE A 253 -33.26 -2.61 -4.89
N ILE A 254 -34.44 -1.96 -4.84
CA ILE A 254 -35.16 -1.81 -3.59
C ILE A 254 -35.50 -3.18 -3.01
N ASP A 255 -36.06 -4.06 -3.84
CA ASP A 255 -36.43 -5.40 -3.39
C ASP A 255 -35.20 -6.20 -2.99
N TYR A 256 -34.09 -6.04 -3.71
CA TYR A 256 -32.84 -6.71 -3.35
C TYR A 256 -32.41 -6.32 -1.94
N VAL A 257 -32.38 -5.02 -1.65
CA VAL A 257 -32.04 -4.56 -0.31
C VAL A 257 -33.02 -5.13 0.72
N SER A 258 -34.31 -5.06 0.42
CA SER A 258 -35.32 -5.58 1.33
C SER A 258 -35.10 -7.05 1.65
N GLN A 259 -34.95 -7.90 0.63
CA GLN A 259 -34.83 -9.33 0.84
C GLN A 259 -33.49 -9.70 1.46
N HIS A 260 -32.41 -9.12 0.94
CA HIS A 260 -31.06 -9.42 1.43
C HIS A 260 -31.03 -9.11 2.93
N LYS A 261 -30.86 -10.16 3.75
CA LYS A 261 -30.93 -9.98 5.20
C LYS A 261 -29.87 -9.00 5.69
N TYR A 262 -28.61 -9.21 5.29
CA TYR A 262 -27.56 -8.33 5.78
C TYR A 262 -27.72 -6.93 5.21
N LEU A 263 -27.94 -6.83 3.90
CA LEU A 263 -28.06 -5.52 3.25
C LEU A 263 -29.20 -4.72 3.88
N SER A 264 -30.31 -5.39 4.23
CA SER A 264 -31.41 -4.70 4.88
C SER A 264 -31.00 -4.17 6.25
N ALA A 265 -30.21 -4.94 7.00
CA ALA A 265 -29.74 -4.53 8.31
C ALA A 265 -28.63 -3.50 8.23
N ILE A 266 -27.89 -3.48 7.12
CA ILE A 266 -26.81 -2.51 6.96
C ILE A 266 -27.34 -1.22 6.32
N LEU A 267 -28.19 -1.33 5.30
CA LEU A 267 -28.79 -0.20 4.58
C LEU A 267 -30.25 -0.13 4.99
N GLN A 268 -30.61 0.84 5.83
CA GLN A 268 -32.00 0.89 6.24
C GLN A 268 -32.84 1.31 5.04
N ILE A 269 -34.08 0.83 5.02
CA ILE A 269 -34.99 1.07 3.91
C ILE A 269 -35.91 2.24 4.26
N ASN A 270 -36.48 2.87 3.22
CA ASN A 270 -37.29 4.05 3.42
C ASN A 270 -38.59 3.69 4.12
N GLU A 271 -39.18 4.69 4.79
CA GLU A 271 -40.42 4.45 5.52
C GLU A 271 -41.56 4.12 4.58
N ALA A 272 -41.45 4.55 3.31
CA ALA A 272 -42.39 4.15 2.28
C ALA A 272 -41.83 2.92 1.56
N GLY A 273 -41.24 3.10 0.38
CA GLY A 273 -40.64 1.94 -0.26
C GLY A 273 -40.25 2.07 -1.71
N ASP A 274 -40.07 3.30 -2.19
CA ASP A 274 -39.63 3.53 -3.56
C ASP A 274 -38.29 4.25 -3.62
N LYS A 275 -37.81 4.75 -2.48
CA LYS A 275 -36.54 5.44 -2.37
C LYS A 275 -35.82 4.86 -1.18
N LEU A 276 -34.57 5.26 -1.01
CA LEU A 276 -33.77 4.78 0.11
C LEU A 276 -33.42 5.94 1.02
N LEU A 277 -33.14 5.63 2.28
CA LEU A 277 -32.74 6.64 3.27
C LEU A 277 -31.29 6.38 3.64
N ILE A 278 -30.36 7.09 3.01
CA ILE A 278 -28.92 6.85 3.16
C ILE A 278 -28.22 8.21 3.37
N LYS A 279 -27.87 8.53 4.63
CA LYS A 279 -27.23 9.81 4.97
C LYS A 279 -25.94 9.71 5.78
N THR A 280 -25.84 8.78 6.74
CA THR A 280 -24.67 8.74 7.60
C THR A 280 -23.46 8.17 6.87
N LYS A 281 -22.26 8.49 7.39
CA LYS A 281 -21.00 8.16 6.71
C LYS A 281 -20.89 6.67 6.40
N THR A 282 -21.17 5.81 7.39
CA THR A 282 -21.08 4.38 7.15
C THR A 282 -22.17 3.90 6.20
N SER A 283 -23.41 4.34 6.36
CA SER A 283 -24.46 3.95 5.42
C SER A 283 -24.15 4.44 4.01
N GLN A 284 -23.59 5.65 3.88
CA GLN A 284 -23.14 6.11 2.57
C GLN A 284 -22.10 5.16 1.99
N LYS A 285 -21.09 4.79 2.79
CA LYS A 285 -20.07 3.87 2.31
C LYS A 285 -20.67 2.52 1.89
N HIS A 286 -21.68 2.05 2.63
CA HIS A 286 -22.33 0.78 2.29
C HIS A 286 -23.11 0.88 1.00
N PHE A 287 -23.85 1.98 0.81
CA PHE A 287 -24.59 2.17 -0.43
C PHE A 287 -23.63 2.32 -1.61
N ILE A 288 -22.49 2.96 -1.38
CA ILE A 288 -21.45 3.07 -2.40
C ILE A 288 -20.96 1.69 -2.81
N LYS A 289 -20.64 0.86 -1.82
CA LYS A 289 -20.24 -0.52 -2.07
C LYS A 289 -21.37 -1.36 -2.64
N LEU A 290 -22.61 -0.88 -2.50
CA LEU A 290 -23.75 -1.56 -3.11
C LEU A 290 -23.77 -1.31 -4.61
N MET A 291 -23.73 -0.04 -5.03
CA MET A 291 -23.63 0.22 -6.46
C MET A 291 -22.32 -0.29 -7.05
N SER A 292 -21.34 -0.59 -6.21
CA SER A 292 -20.11 -1.22 -6.68
C SER A 292 -20.21 -2.73 -6.82
N ASP A 293 -21.37 -3.32 -6.50
CA ASP A 293 -21.57 -4.78 -6.55
C ASP A 293 -20.57 -5.53 -5.68
N ASP A 294 -20.14 -4.92 -4.57
CA ASP A 294 -19.18 -5.55 -3.67
C ASP A 294 -19.81 -6.56 -2.72
N TYR A 295 -21.14 -6.59 -2.63
CA TYR A 295 -21.83 -7.54 -1.76
C TYR A 295 -22.04 -8.83 -2.54
N LEU A 296 -21.20 -9.83 -2.27
CA LEU A 296 -21.18 -11.06 -3.05
C LEU A 296 -21.35 -12.26 -2.12
N GLN A 297 -22.09 -13.25 -2.63
CA GLN A 297 -22.39 -14.49 -1.93
C GLN A 297 -21.57 -15.62 -2.53
N SER A 298 -21.07 -16.51 -1.67
CA SER A 298 -20.29 -17.64 -2.14
C SER A 298 -21.19 -18.70 -2.76
N ASP A 299 -20.78 -19.21 -3.91
CA ASP A 299 -21.49 -20.30 -4.57
C ASP A 299 -21.12 -21.68 -4.00
N LEU A 300 -20.17 -21.75 -3.08
CA LEU A 300 -19.80 -23.00 -2.42
C LEU A 300 -20.16 -22.97 -0.94
N THR A 301 -19.57 -22.05 -0.17
CA THR A 301 -19.82 -21.97 1.26
C THR A 301 -21.06 -21.16 1.61
N LYS A 302 -21.65 -20.46 0.63
CA LYS A 302 -22.87 -19.67 0.83
C LYS A 302 -22.69 -18.64 1.96
N ILE A 303 -21.54 -17.99 1.98
CA ILE A 303 -21.24 -16.94 2.95
C ILE A 303 -21.12 -15.61 2.20
N ILE A 304 -21.77 -14.57 2.73
CA ILE A 304 -21.71 -13.25 2.14
C ILE A 304 -20.44 -12.54 2.60
N TYR A 305 -19.87 -11.73 1.72
CA TYR A 305 -18.59 -11.09 2.02
C TYR A 305 -18.63 -9.63 1.60
N MET A 306 -17.55 -8.92 1.94
CA MET A 306 -17.37 -7.50 1.61
C MET A 306 -16.07 -7.36 0.82
N SER A 307 -16.18 -7.23 -0.50
CA SER A 307 -15.03 -7.18 -1.38
C SER A 307 -14.44 -5.78 -1.44
N ILE A 308 -13.25 -5.62 -0.86
CA ILE A 308 -12.51 -4.36 -1.02
C ILE A 308 -11.99 -4.23 -2.45
N ALA A 309 -11.47 -5.32 -3.01
CA ALA A 309 -10.95 -5.36 -4.37
C ALA A 309 -11.48 -6.60 -5.07
N LYS A 310 -11.89 -6.43 -6.33
CA LYS A 310 -12.45 -7.54 -7.11
C LYS A 310 -12.08 -7.38 -8.57
N ASP A 311 -12.24 -8.47 -9.33
CA ASP A 311 -11.93 -8.50 -10.76
C ASP A 311 -12.88 -9.45 -11.48
N ARG A 312 -13.49 -8.98 -12.56
CA ARG A 312 -14.30 -9.85 -13.42
C ARG A 312 -13.43 -10.93 -14.07
N LEU A 313 -13.95 -12.17 -14.09
CA LEU A 313 -13.20 -13.30 -14.61
C LEU A 313 -13.52 -13.64 -16.05
N ASP A 314 -14.72 -13.31 -16.53
CA ASP A 314 -15.16 -13.67 -17.87
C ASP A 314 -14.40 -12.92 -18.96
N GLU A 315 -13.72 -11.83 -18.62
CA GLU A 315 -12.99 -11.05 -19.61
C GLU A 315 -11.48 -11.23 -19.47
N MET B 1 -11.53 -5.94 19.43
CA MET B 1 -11.51 -4.49 19.52
C MET B 1 -11.60 -3.88 18.11
N THR B 2 -12.74 -3.25 17.83
CA THR B 2 -13.13 -2.90 16.48
C THR B 2 -12.28 -1.74 15.94
N THR B 3 -12.50 -1.40 14.66
CA THR B 3 -11.75 -0.31 14.05
C THR B 3 -12.19 1.03 14.62
N GLN B 4 -13.48 1.21 14.88
CA GLN B 4 -13.97 2.46 15.46
C GLN B 4 -13.37 2.69 16.85
N GLN B 5 -13.18 1.61 17.61
CA GLN B 5 -12.57 1.76 18.92
C GLN B 5 -11.11 2.16 18.81
N LEU B 6 -10.40 1.64 17.80
CA LEU B 6 -9.07 2.14 17.50
C LEU B 6 -9.09 3.61 17.14
N LYS B 7 -10.08 4.02 16.33
CA LYS B 7 -10.15 5.42 15.94
C LYS B 7 -10.33 6.33 17.14
N GLU B 8 -11.20 5.94 18.09
CA GLU B 8 -11.43 6.82 19.23
C GLU B 8 -10.27 6.79 20.21
N LYS B 9 -9.59 5.65 20.36
CA LYS B 9 -8.38 5.63 21.17
C LYS B 9 -7.30 6.54 20.58
N ILE B 10 -7.12 6.49 19.26
CA ILE B 10 -6.07 7.29 18.62
C ILE B 10 -6.41 8.76 18.72
N SER B 11 -7.67 9.12 18.52
CA SER B 11 -8.05 10.52 18.67
C SER B 11 -7.97 10.97 20.12
N LYS B 12 -8.14 10.05 21.07
CA LYS B 12 -7.94 10.39 22.48
C LYS B 12 -6.49 10.72 22.75
N ILE B 13 -5.56 9.95 22.16
CA ILE B 13 -4.14 10.26 22.35
C ILE B 13 -3.77 11.54 21.60
N ILE B 14 -4.31 11.72 20.40
CA ILE B 14 -3.90 12.84 19.55
C ILE B 14 -4.41 14.15 20.12
N ASP B 15 -5.73 14.25 20.31
CA ASP B 15 -6.35 15.49 20.75
C ASP B 15 -6.04 15.84 22.20
N ASN B 16 -5.47 14.90 22.98
CA ASN B 16 -4.92 15.22 24.30
C ASN B 16 -3.43 14.93 24.32
N PHE B 17 -2.72 15.44 23.32
CA PHE B 17 -1.29 15.20 23.18
C PHE B 17 -0.55 15.78 24.39
N SER B 18 0.23 14.93 25.06
CA SER B 18 0.95 15.33 26.26
C SER B 18 2.45 15.44 26.08
N GLY B 19 3.04 14.63 25.20
CA GLY B 19 4.47 14.68 24.97
C GLY B 19 4.98 13.59 24.05
N ILE B 20 6.20 13.76 23.54
CA ILE B 20 6.81 12.77 22.64
C ILE B 20 8.28 12.63 23.01
N ARG B 21 8.75 11.38 23.08
CA ARG B 21 10.15 11.10 23.37
C ARG B 21 10.54 9.86 22.59
N VAL B 22 11.76 9.86 22.04
CA VAL B 22 12.18 8.88 21.06
C VAL B 22 13.21 7.95 21.69
N VAL B 23 13.02 6.64 21.49
CA VAL B 23 13.93 5.60 21.97
C VAL B 23 14.56 4.94 20.76
N PHE B 24 15.88 4.81 20.75
CA PHE B 24 16.57 4.05 19.73
C PHE B 24 16.78 2.63 20.23
N THR B 25 16.38 1.65 19.42
CA THR B 25 16.71 0.25 19.70
C THR B 25 17.94 -0.14 18.90
N THR B 26 18.94 -0.67 19.58
CA THR B 26 20.20 -1.03 18.95
C THR B 26 20.15 -2.49 18.50
N THR B 27 21.27 -2.98 17.99
CA THR B 27 21.37 -4.36 17.57
C THR B 27 21.56 -5.32 18.74
N ALA B 28 22.00 -4.83 19.89
CA ALA B 28 22.16 -5.64 21.09
C ALA B 28 20.89 -5.69 21.93
N ASN B 29 19.76 -5.23 21.40
CA ASN B 29 18.46 -5.30 22.07
C ASN B 29 18.47 -4.60 23.43
N GLU B 30 19.02 -3.39 23.45
CA GLU B 30 18.93 -2.50 24.60
C GLU B 30 18.42 -1.15 24.12
N LEU B 31 17.44 -0.61 24.82
CA LEU B 31 16.82 0.65 24.44
C LEU B 31 17.68 1.80 24.95
N LYS B 32 18.35 2.48 24.02
CA LYS B 32 19.14 3.66 24.33
C LYS B 32 18.32 4.90 24.00
N LEU B 33 18.21 5.82 24.94
CA LEU B 33 17.41 7.01 24.71
C LEU B 33 18.15 7.99 23.82
N SER B 34 17.38 8.78 23.08
CA SER B 34 17.90 9.67 22.05
C SER B 34 18.13 11.07 22.59
N ARG B 35 18.73 11.92 21.75
CA ARG B 35 19.07 13.30 22.09
C ARG B 35 18.62 14.23 20.97
N ILE B 36 17.33 14.21 20.68
CA ILE B 36 16.81 15.02 19.58
C ILE B 36 16.61 16.45 20.05
N GLU B 37 17.07 17.40 19.24
CA GLU B 37 16.92 18.81 19.56
C GLU B 37 15.44 19.20 19.63
N GLY B 38 15.15 20.22 20.42
CA GLY B 38 13.76 20.55 20.71
C GLY B 38 12.96 20.89 19.47
N SER B 39 13.52 21.70 18.58
CA SER B 39 12.81 22.07 17.35
C SER B 39 12.61 20.86 16.45
N ALA B 40 13.67 20.07 16.25
CA ALA B 40 13.54 18.84 15.48
C ALA B 40 12.56 17.88 16.14
N LEU B 41 12.56 17.82 17.47
CA LEU B 41 11.57 17.00 18.18
C LEU B 41 10.17 17.49 17.86
N ASN B 42 10.00 18.81 17.82
CA ASN B 42 8.72 19.39 17.47
C ASN B 42 8.29 19.00 16.07
N SER B 43 9.23 19.07 15.12
CA SER B 43 8.94 18.66 13.74
C SER B 43 8.52 17.20 13.68
N ILE B 44 9.20 16.35 14.45
CA ILE B 44 8.85 14.93 14.51
C ILE B 44 7.43 14.75 15.00
N ALA B 45 7.09 15.41 16.11
CA ALA B 45 5.74 15.34 16.65
C ALA B 45 4.72 15.75 15.60
N GLU B 46 4.91 16.92 15.01
CA GLU B 46 4.02 17.43 13.98
C GLU B 46 3.82 16.43 12.84
N GLY B 47 4.93 15.99 12.23
CA GLY B 47 4.83 15.11 11.08
C GLY B 47 4.20 13.77 11.40
N PHE B 48 4.61 13.16 12.52
CA PHE B 48 4.05 11.86 12.86
C PHE B 48 2.58 11.96 13.23
N ILE B 49 2.17 13.06 13.86
CA ILE B 49 0.75 13.26 14.12
C ILE B 49 -0.03 13.34 12.81
N ASP B 50 0.49 14.09 11.83
CA ASP B 50 -0.17 14.16 10.53
C ASP B 50 -0.26 12.80 9.86
N LYS B 51 0.82 12.03 9.90
CA LYS B 51 0.78 10.71 9.28
C LYS B 51 -0.24 9.83 9.98
N ILE B 52 -0.29 9.88 11.32
CA ILE B 52 -1.23 9.07 12.08
C ILE B 52 -2.66 9.46 11.74
N LYS B 53 -2.95 10.76 11.69
CA LYS B 53 -4.28 11.21 11.30
C LYS B 53 -4.64 10.74 9.90
N GLU B 54 -3.74 10.94 8.94
CA GLU B 54 -4.02 10.58 7.56
C GLU B 54 -4.25 9.07 7.40
N ASP B 55 -3.57 8.25 8.20
CA ASP B 55 -3.70 6.81 8.08
C ASP B 55 -4.79 6.20 8.97
N ILE B 56 -5.23 6.89 10.01
CA ILE B 56 -6.19 6.30 10.96
C ILE B 56 -7.41 7.21 11.15
N ILE B 57 -7.18 8.47 11.52
CA ILE B 57 -8.27 9.36 11.89
C ILE B 57 -9.07 9.79 10.66
N ASN B 58 -8.41 10.47 9.73
CA ASN B 58 -9.10 10.95 8.53
C ASN B 58 -9.23 9.88 7.46
N ASN B 59 -8.62 8.72 7.64
CA ASN B 59 -8.78 7.60 6.72
C ASN B 59 -10.14 6.98 6.98
N GLU B 60 -11.12 7.29 6.13
CA GLU B 60 -12.46 6.75 6.32
C GLU B 60 -12.55 5.29 5.88
N ASP B 61 -11.74 4.87 4.90
CA ASP B 61 -11.69 3.49 4.45
C ASP B 61 -10.61 2.66 5.14
N LEU B 62 -10.27 3.00 6.39
CA LEU B 62 -9.28 2.24 7.14
C LEU B 62 -9.89 0.94 7.66
N THR B 63 -9.22 -0.17 7.37
CA THR B 63 -9.66 -1.48 7.82
C THR B 63 -8.63 -2.06 8.79
N SER B 64 -9.14 -2.79 9.80
CA SER B 64 -8.31 -3.41 10.83
C SER B 64 -8.59 -4.90 10.86
N PRO B 65 -8.07 -5.66 9.89
CA PRO B 65 -8.25 -7.12 9.95
C PRO B 65 -7.09 -7.83 10.64
N LEU B 66 -7.19 -9.15 10.76
CA LEU B 66 -6.17 -9.90 11.48
C LEU B 66 -4.94 -10.11 10.61
N LEU B 67 -3.77 -10.19 11.26
CA LEU B 67 -2.54 -10.43 10.53
C LEU B 67 -2.55 -11.80 9.87
N SER B 68 -3.03 -12.83 10.59
CA SER B 68 -3.12 -14.15 10.00
C SER B 68 -4.14 -14.19 8.86
N ASN B 69 -5.03 -13.20 8.79
CA ASN B 69 -5.97 -13.04 7.69
C ASN B 69 -5.43 -12.06 6.65
N PHE B 70 -4.20 -12.28 6.20
CA PHE B 70 -3.54 -11.36 5.29
C PHE B 70 -4.20 -11.34 3.92
N ASP B 71 -4.54 -10.14 3.45
CA ASP B 71 -4.96 -9.93 2.07
C ASP B 71 -4.29 -8.64 1.59
N ASP B 72 -4.58 -8.25 0.36
CA ASP B 72 -3.95 -7.09 -0.26
C ASP B 72 -4.92 -5.92 -0.14
N ARG B 73 -4.79 -5.16 0.94
CA ARG B 73 -5.62 -3.98 1.16
C ARG B 73 -4.75 -2.81 1.60
N LYS B 74 -4.76 -1.74 0.82
CA LYS B 74 -4.10 -0.51 1.21
C LYS B 74 -5.00 0.22 2.22
N ASN B 75 -4.37 1.08 3.04
CA ASN B 75 -5.03 1.72 4.17
C ASN B 75 -5.63 0.68 5.12
N ALA B 76 -4.78 -0.28 5.50
CA ALA B 76 -5.20 -1.35 6.39
C ALA B 76 -4.08 -1.60 7.40
N LEU B 77 -4.44 -1.58 8.68
CA LEU B 77 -3.51 -1.88 9.76
C LEU B 77 -3.88 -3.24 10.33
N PHE B 78 -2.97 -4.20 10.19
CA PHE B 78 -3.29 -5.58 10.53
C PHE B 78 -3.09 -5.82 12.02
N LYS B 79 -4.09 -6.45 12.65
CA LYS B 79 -4.01 -6.80 14.06
C LYS B 79 -3.14 -8.04 14.24
N PHE B 80 -2.13 -7.93 15.10
CA PHE B 80 -1.23 -9.04 15.37
C PHE B 80 -1.94 -10.07 16.24
N ASP B 81 -2.33 -11.21 15.65
CA ASP B 81 -3.13 -12.22 16.32
C ASP B 81 -2.37 -13.50 16.58
N TYR B 82 -1.04 -13.47 16.49
CA TYR B 82 -0.24 -14.66 16.75
C TYR B 82 0.20 -14.70 18.21
N GLU B 83 0.65 -15.88 18.63
CA GLU B 83 1.13 -16.06 19.98
C GLU B 83 2.58 -15.65 20.15
N GLN B 84 3.35 -15.58 19.06
CA GLN B 84 4.78 -15.36 19.13
C GLN B 84 5.08 -13.89 18.90
N TYR B 85 5.71 -13.25 19.90
CA TYR B 85 6.15 -11.87 19.80
C TYR B 85 7.60 -11.85 19.34
N PRO B 86 7.90 -11.40 18.12
CA PRO B 86 9.32 -11.17 17.76
C PRO B 86 9.99 -10.23 18.74
N GLU B 87 11.31 -10.37 18.86
CA GLU B 87 12.05 -9.70 19.94
C GLU B 87 11.80 -8.20 19.97
N GLU B 88 11.58 -7.59 18.80
CA GLU B 88 11.30 -6.16 18.76
C GLU B 88 9.96 -5.83 19.42
N PHE B 89 9.02 -6.78 19.46
CA PHE B 89 7.76 -6.53 20.16
C PHE B 89 8.00 -6.30 21.64
N ASN B 90 8.79 -7.17 22.27
CA ASN B 90 9.15 -6.97 23.67
C ASN B 90 9.99 -5.71 23.84
N LYS B 91 10.84 -5.39 22.85
CA LYS B 91 11.63 -4.17 22.95
C LYS B 91 10.75 -2.93 22.96
N ILE B 92 9.67 -2.94 22.17
CA ILE B 92 8.73 -1.81 22.17
C ILE B 92 7.91 -1.78 23.45
N THR B 93 7.50 -2.95 23.94
CA THR B 93 6.80 -3.01 25.21
C THR B 93 7.64 -2.38 26.33
N GLN B 94 8.93 -2.71 26.39
CA GLN B 94 9.81 -2.07 27.36
C GLN B 94 10.13 -0.63 27.01
N ALA B 95 10.04 -0.26 25.73
CA ALA B 95 10.28 1.11 25.33
C ALA B 95 9.17 2.03 25.83
N ILE B 96 7.95 1.51 25.93
CA ILE B 96 6.86 2.29 26.50
C ILE B 96 7.21 2.77 27.91
N ALA B 97 7.99 2.00 28.65
CA ALA B 97 8.11 2.17 30.09
C ALA B 97 9.54 2.39 30.56
N ILE B 98 10.34 3.14 29.82
CA ILE B 98 11.56 3.72 30.41
C ILE B 98 11.17 4.88 31.30
N PRO B 99 11.59 4.90 32.56
CA PRO B 99 11.30 6.06 33.41
C PRO B 99 11.92 7.32 32.83
N PRO B 100 11.24 8.46 32.97
CA PRO B 100 11.76 9.71 32.38
C PRO B 100 13.11 10.11 32.95
N ASN B 101 13.43 9.67 34.15
CA ASN B 101 14.68 10.04 34.78
C ASN B 101 15.85 9.16 34.33
N SER B 102 15.63 8.26 33.39
CA SER B 102 16.69 7.34 32.99
C SER B 102 17.74 8.07 32.14
N GLN B 103 19.01 7.79 32.44
CA GLN B 103 20.14 8.35 31.70
C GLN B 103 20.77 7.33 30.75
N ASP B 104 20.07 6.23 30.48
CA ASP B 104 20.58 5.22 29.54
C ASP B 104 20.42 5.82 28.15
N TYR B 105 21.36 6.69 27.79
CA TYR B 105 21.28 7.48 26.57
C TYR B 105 22.20 6.91 25.50
N TYR B 106 21.87 7.18 24.24
CA TYR B 106 22.63 6.66 23.12
C TYR B 106 23.83 7.57 22.87
N ASN B 107 25.02 6.99 22.93
CA ASN B 107 26.23 7.74 22.62
C ASN B 107 26.34 7.88 21.10
N PRO B 108 26.46 9.10 20.56
CA PRO B 108 26.38 9.29 19.12
C PRO B 108 27.67 8.99 18.37
N LEU B 109 28.75 8.61 19.06
CA LEU B 109 29.93 8.11 18.38
C LEU B 109 29.67 6.82 17.61
N ASN B 110 28.52 6.17 17.84
CA ASN B 110 28.19 4.92 17.16
C ASN B 110 27.89 5.11 15.68
N LYS B 111 27.86 6.36 15.20
CA LYS B 111 27.69 6.69 13.78
C LYS B 111 26.39 6.14 13.20
N PHE B 112 25.43 5.79 14.07
CA PHE B 112 24.11 5.36 13.65
C PHE B 112 24.14 4.13 12.76
N THR B 113 25.19 3.32 12.88
CA THR B 113 25.18 1.98 12.31
C THR B 113 24.75 0.94 13.34
N ASP B 114 24.83 1.29 14.63
CA ASP B 114 24.25 0.45 15.66
C ASP B 114 22.73 0.59 15.73
N VAL B 115 22.19 1.66 15.15
CA VAL B 115 20.75 1.86 15.15
C VAL B 115 20.11 0.79 14.28
N LYS B 116 19.31 -0.07 14.92
CA LYS B 116 18.58 -1.13 14.26
C LYS B 116 17.13 -0.74 13.97
N GLY B 117 16.51 -0.01 14.88
CA GLY B 117 15.20 0.58 14.67
C GLY B 117 15.09 1.86 15.48
N ILE B 118 13.97 2.54 15.30
CA ILE B 118 13.68 3.81 15.98
C ILE B 118 12.27 3.72 16.54
N ILE B 119 12.11 4.06 17.82
CA ILE B 119 10.82 3.95 18.51
C ILE B 119 10.34 5.35 18.86
N ILE B 120 9.15 5.69 18.37
CA ILE B 120 8.54 7.00 18.57
C ILE B 120 7.43 6.86 19.60
N LEU B 121 7.64 7.41 20.79
CA LEU B 121 6.67 7.31 21.88
C LEU B 121 5.82 8.58 21.87
N ILE B 122 4.62 8.48 21.31
CA ILE B 122 3.66 9.57 21.28
C ILE B 122 2.67 9.35 22.41
N SER B 123 2.66 10.25 23.38
CA SER B 123 1.82 10.11 24.56
C SER B 123 0.64 11.08 24.53
N GLY B 124 -0.48 10.62 25.09
CA GLY B 124 -1.70 11.40 25.13
C GLY B 124 -2.82 10.72 25.88
N ASP B 125 -3.63 11.51 26.59
CA ASP B 125 -4.73 10.98 27.41
C ASP B 125 -4.24 9.89 28.35
N ASN B 126 -3.07 10.11 28.94
CA ASN B 126 -2.44 9.19 29.89
C ASN B 126 -2.19 7.81 29.28
N LYS B 127 -2.11 7.72 27.95
CA LYS B 127 -1.68 6.51 27.27
C LYS B 127 -0.48 6.82 26.40
N CYS B 128 0.20 5.76 25.95
CA CYS B 128 1.43 5.89 25.17
C CYS B 128 1.34 5.00 23.93
N LEU B 129 1.08 5.62 22.79
CA LEU B 129 1.21 4.97 21.49
C LEU B 129 2.69 4.90 21.12
N ALA B 130 3.10 3.78 20.52
CA ALA B 130 4.51 3.55 20.21
C ALA B 130 4.66 3.14 18.76
N LEU B 131 5.38 3.93 17.98
CA LEU B 131 5.68 3.64 16.59
C LEU B 131 7.07 3.01 16.46
N TYR B 132 7.25 2.20 15.41
CA TYR B 132 8.52 1.56 15.11
C TYR B 132 8.89 1.79 13.66
N LYS B 133 10.12 2.25 13.41
CA LYS B 133 10.66 2.38 12.06
C LYS B 133 11.99 1.64 12.00
N ASN B 134 12.29 1.09 10.82
CA ASN B 134 13.57 0.45 10.57
C ASN B 134 14.26 1.18 9.42
N LYS B 135 15.46 0.70 9.06
CA LYS B 135 16.24 1.24 7.95
C LYS B 135 15.96 0.38 6.73
N THR B 136 15.03 0.84 5.87
CA THR B 136 14.74 0.04 4.70
C THR B 136 15.97 -0.03 3.81
N ASN B 137 16.11 -1.16 3.10
CA ASN B 137 17.24 -1.32 2.18
C ASN B 137 17.23 -0.23 1.12
N LEU B 138 16.12 -0.10 0.40
CA LEU B 138 16.02 0.80 -0.75
C LEU B 138 15.86 2.25 -0.29
N ALA B 139 16.95 2.81 0.23
CA ALA B 139 16.92 4.16 0.80
C ALA B 139 18.28 4.84 0.58
N VAL B 140 18.25 6.09 0.13
CA VAL B 140 19.45 6.79 -0.32
C VAL B 140 19.16 8.28 -0.50
N LEU B 141 20.17 9.13 -0.32
CA LEU B 141 20.06 10.57 -0.55
C LEU B 141 21.24 11.05 -1.41
N ARG B 142 21.26 12.35 -1.71
CA ARG B 142 22.34 12.97 -2.47
C ARG B 142 22.42 14.46 -2.14
N ASN B 143 23.62 14.95 -1.85
CA ASN B 143 23.86 16.36 -1.62
C ASN B 143 24.86 16.90 -2.64
N SER B 144 24.76 18.19 -2.96
CA SER B 144 25.66 18.78 -3.95
C SER B 144 27.09 18.85 -3.42
N ARG B 145 28.04 18.35 -4.20
CA ARG B 145 29.47 18.43 -3.96
C ARG B 145 30.09 19.34 -5.01
N LYS B 146 30.67 20.46 -4.56
CA LYS B 146 31.27 21.45 -5.43
C LYS B 146 31.91 22.51 -4.54
N MET B 147 33.09 23.01 -4.95
CA MET B 147 33.79 23.92 -4.07
C MET B 147 34.82 24.82 -4.75
N PHE B 148 35.84 24.25 -5.40
CA PHE B 148 36.93 25.00 -6.02
C PHE B 148 37.64 25.91 -5.02
N ASN B 149 37.11 27.11 -4.80
CA ASN B 149 37.58 27.97 -3.72
C ASN B 149 36.75 27.74 -2.44
N LEU B 150 35.46 28.03 -2.50
CA LEU B 150 34.57 27.90 -1.34
C LEU B 150 33.34 27.06 -1.67
N ASP B 153 32.74 29.27 -12.17
CA ASP B 153 33.35 27.95 -12.30
C ASP B 153 32.31 26.84 -12.07
N PRO B 154 31.60 26.46 -13.14
CA PRO B 154 30.62 25.36 -13.08
C PRO B 154 31.25 23.97 -13.11
N ASP B 155 31.98 23.62 -12.06
CA ASP B 155 32.63 22.30 -11.94
C ASP B 155 32.27 21.62 -10.61
N GLY B 156 31.19 20.84 -10.63
CA GLY B 156 30.76 20.08 -9.46
C GLY B 156 29.56 19.22 -9.81
N TYR B 157 29.27 18.27 -8.92
CA TYR B 157 28.23 17.27 -9.17
C TYR B 157 27.46 16.98 -7.88
N LEU B 158 26.32 16.30 -8.02
CA LEU B 158 25.51 15.89 -6.87
C LEU B 158 26.00 14.56 -6.32
N LYS B 159 26.16 14.46 -5.00
CA LYS B 159 26.69 13.22 -4.42
C LYS B 159 26.42 13.12 -2.93
N GLN B 160 25.88 11.99 -2.50
CA GLN B 160 25.78 11.69 -1.08
C GLN B 160 27.18 11.57 -0.46
N LEU B 161 27.40 12.29 0.66
CA LEU B 161 28.73 12.31 1.30
C LEU B 161 28.75 11.75 2.72
N PRO B 162 27.85 12.17 3.66
CA PRO B 162 27.96 11.65 5.03
C PRO B 162 27.70 10.15 5.10
N ASN B 163 26.57 9.74 4.52
CA ASN B 163 26.10 8.35 4.52
C ASN B 163 26.18 7.71 5.92
N GLU B 164 25.92 8.53 6.94
CA GLU B 164 25.70 8.04 8.29
C GLU B 164 24.50 8.75 8.92
N ILE B 165 23.83 9.62 8.18
CA ILE B 165 22.80 10.48 8.75
C ILE B 165 21.54 9.68 9.02
N LEU B 166 20.96 9.90 10.20
CA LEU B 166 19.72 9.22 10.53
C LEU B 166 18.59 9.77 9.67
N ARG B 167 17.64 8.90 9.34
CA ARG B 167 16.62 9.21 8.34
C ARG B 167 15.29 9.51 9.04
N LEU B 168 14.62 8.46 9.51
CA LEU B 168 13.29 8.54 10.11
C LEU B 168 12.31 9.22 9.15
N ASP B 169 12.15 8.60 7.99
CA ASP B 169 11.07 9.00 7.11
C ASP B 169 9.77 8.88 7.89
N PHE B 170 8.94 9.91 7.81
CA PHE B 170 7.67 9.94 8.54
C PHE B 170 6.77 8.76 8.20
N ASN B 171 7.27 7.53 8.43
CA ASN B 171 6.61 6.32 7.96
C ASN B 171 6.88 5.20 8.96
N TYR B 172 5.92 4.96 9.84
CA TYR B 172 5.97 3.86 10.78
C TYR B 172 5.68 2.53 10.08
N ASP B 173 6.52 1.52 10.35
CA ASP B 173 6.26 0.18 9.84
C ASP B 173 5.24 -0.58 10.67
N LEU B 174 5.07 -0.22 11.94
CA LEU B 174 4.14 -0.86 12.85
C LEU B 174 4.09 -0.05 14.13
N PHE B 175 3.03 -0.26 14.90
CA PHE B 175 2.88 0.47 16.16
C PHE B 175 2.17 -0.40 17.18
N SER B 176 2.16 0.08 18.42
CA SER B 176 1.58 -0.64 19.56
C SER B 176 0.85 0.37 20.44
N ILE B 177 -0.42 0.11 20.70
CA ILE B 177 -1.20 0.88 21.66
C ILE B 177 -1.56 -0.05 22.81
N GLY B 178 -1.22 0.36 24.03
CA GLY B 178 -1.47 -0.48 25.19
C GLY B 178 -0.80 -1.84 25.04
N GLU B 179 -1.60 -2.89 24.96
CA GLU B 179 -1.12 -4.25 24.75
C GLU B 179 -1.71 -4.83 23.47
N ASP B 180 -1.80 -3.99 22.45
CA ASP B 180 -2.36 -4.39 21.17
C ASP B 180 -1.43 -3.86 20.08
N PHE B 181 -0.86 -4.77 19.30
CA PHE B 181 0.11 -4.43 18.27
C PHE B 181 -0.55 -4.46 16.89
N TYR B 182 -0.16 -3.51 16.03
CA TYR B 182 -0.70 -3.40 14.69
C TYR B 182 0.44 -3.21 13.69
N ILE B 183 0.27 -3.77 12.50
CA ILE B 183 1.32 -3.79 11.48
C ILE B 183 0.85 -3.04 10.25
N LYS B 184 1.69 -2.14 9.75
CA LYS B 184 1.46 -1.46 8.48
C LYS B 184 2.37 -1.99 7.37
N ASN B 185 3.68 -1.95 7.58
CA ASN B 185 4.63 -2.46 6.59
C ASN B 185 4.93 -3.91 6.96
N HIS B 186 4.20 -4.83 6.33
CA HIS B 186 4.35 -6.25 6.64
C HIS B 186 5.70 -6.79 6.22
N LYS B 187 6.29 -6.24 5.15
CA LYS B 187 7.62 -6.66 4.72
C LYS B 187 8.63 -6.46 5.84
N THR B 188 8.49 -5.38 6.60
CA THR B 188 9.36 -5.13 7.74
C THR B 188 9.24 -6.25 8.77
N LEU B 189 8.01 -6.66 9.09
CA LEU B 189 7.81 -7.73 10.06
C LEU B 189 8.37 -9.05 9.57
N GLU B 190 8.04 -9.43 8.34
CA GLU B 190 8.49 -10.73 7.82
C GLU B 190 9.99 -10.76 7.59
N THR B 191 10.62 -9.61 7.38
CA THR B 191 12.04 -9.59 7.07
C THR B 191 12.88 -9.22 8.29
N GLN B 192 12.75 -7.97 8.76
CA GLN B 192 13.58 -7.51 9.86
C GLN B 192 13.31 -8.32 11.13
N MET B 193 12.05 -8.41 11.53
CA MET B 193 11.69 -9.18 12.71
C MET B 193 11.67 -10.68 12.47
N LYS B 194 11.91 -11.12 11.23
CA LYS B 194 12.04 -12.54 10.92
C LYS B 194 10.79 -13.31 11.34
N PHE B 195 9.64 -12.85 10.86
CA PHE B 195 8.40 -13.59 11.08
C PHE B 195 8.19 -14.68 10.04
N HIS B 196 8.98 -14.69 8.97
CA HIS B 196 8.76 -15.64 7.88
C HIS B 196 8.91 -17.09 8.34
N GLN B 197 9.69 -17.34 9.40
CA GLN B 197 9.76 -18.70 9.94
C GLN B 197 8.39 -19.17 10.41
N VAL B 198 7.68 -18.34 11.17
CA VAL B 198 6.34 -18.71 11.65
C VAL B 198 5.40 -18.93 10.47
N ILE B 199 5.51 -18.08 9.44
CA ILE B 199 4.65 -18.19 8.29
C ILE B 199 4.92 -19.47 7.51
N GLU B 200 6.21 -19.80 7.33
CA GLU B 200 6.57 -21.02 6.63
C GLU B 200 6.15 -22.26 7.43
N ALA B 201 6.23 -22.19 8.76
CA ALA B 201 5.73 -23.29 9.57
C ALA B 201 4.23 -23.46 9.39
N GLN B 202 3.49 -22.35 9.36
CA GLN B 202 2.06 -22.45 9.11
C GLN B 202 1.77 -22.94 7.70
N ALA B 203 2.63 -22.63 6.73
CA ALA B 203 2.46 -23.11 5.36
C ALA B 203 2.71 -24.61 5.26
N VAL B 204 3.71 -25.12 5.98
CA VAL B 204 3.93 -26.56 6.03
C VAL B 204 2.75 -27.25 6.72
N ILE B 205 2.22 -26.63 7.78
CA ILE B 205 1.00 -27.14 8.41
C ILE B 205 -0.15 -27.20 7.41
N ALA B 206 -0.28 -26.18 6.58
CA ALA B 206 -1.32 -26.18 5.54
C ALA B 206 -1.09 -27.29 4.53
N LEU B 207 0.16 -27.48 4.11
CA LEU B 207 0.48 -28.57 3.19
C LEU B 207 0.07 -29.92 3.78
N ASN B 208 0.37 -30.11 5.07
CA ASN B 208 -0.01 -31.35 5.74
C ASN B 208 -1.53 -31.51 5.84
N SER B 209 -2.25 -30.43 6.15
CA SER B 209 -3.72 -30.50 6.19
C SER B 209 -4.30 -30.82 4.83
N LEU B 210 -3.67 -30.33 3.76
CA LEU B 210 -4.13 -30.65 2.42
C LEU B 210 -3.84 -32.10 2.07
N ARG B 211 -2.68 -32.60 2.49
CA ARG B 211 -2.35 -34.01 2.28
C ARG B 211 -3.32 -34.90 3.03
N ASP B 212 -3.70 -34.51 4.26
CA ASP B 212 -4.67 -35.28 5.03
C ASP B 212 -6.07 -35.18 4.45
N SER B 213 -6.39 -34.07 3.78
CA SER B 213 -7.72 -33.92 3.18
C SER B 213 -7.92 -34.88 2.00
N LEU B 214 -6.85 -35.35 1.39
CA LEU B 214 -6.90 -36.27 0.25
C LEU B 214 -7.76 -35.70 -0.87
N LEU B 215 -7.63 -34.39 -1.08
CA LEU B 215 -8.31 -33.69 -2.16
C LEU B 215 -7.43 -33.52 -3.40
N ILE B 216 -6.13 -33.34 -3.20
CA ILE B 216 -5.19 -33.14 -4.28
C ILE B 216 -4.49 -34.46 -4.54
N GLU B 217 -3.89 -34.57 -5.72
CA GLU B 217 -3.10 -35.75 -6.04
C GLU B 217 -1.62 -35.52 -5.71
N ASP B 218 -0.96 -34.62 -6.45
CA ASP B 218 0.45 -34.30 -6.25
C ASP B 218 0.62 -32.94 -5.59
N ILE B 219 1.33 -32.92 -4.44
CA ILE B 219 1.64 -31.69 -3.73
C ILE B 219 3.00 -31.13 -4.11
N SER B 220 3.76 -31.82 -4.97
CA SER B 220 5.12 -31.38 -5.30
C SER B 220 5.16 -29.95 -5.83
N GLY B 221 4.17 -29.57 -6.64
CA GLY B 221 4.07 -28.19 -7.08
C GLY B 221 3.93 -27.22 -5.92
N LEU B 222 3.05 -27.55 -4.98
CA LEU B 222 2.83 -26.69 -3.83
C LEU B 222 4.09 -26.55 -2.98
N GLU B 223 4.80 -27.66 -2.76
CA GLU B 223 6.04 -27.60 -2.00
C GLU B 223 7.11 -26.79 -2.73
N LYS B 224 7.17 -26.91 -4.06
CA LYS B 224 8.09 -26.07 -4.83
C LYS B 224 7.78 -24.60 -4.64
N SER B 225 6.50 -24.23 -4.73
CA SER B 225 6.14 -22.83 -4.59
C SER B 225 6.15 -22.35 -3.12
N SER B 226 6.22 -23.27 -2.16
CA SER B 226 6.14 -22.90 -0.76
C SER B 226 7.41 -22.24 -0.24
N ARG B 227 8.54 -22.36 -0.94
CA ARG B 227 9.75 -21.67 -0.48
C ARG B 227 9.61 -20.17 -0.62
N GLU B 228 8.76 -19.70 -1.53
CA GLU B 228 8.47 -18.28 -1.63
C GLU B 228 7.49 -17.87 -0.55
N ILE B 229 7.69 -16.66 -0.01
CA ILE B 229 6.86 -16.21 1.12
C ILE B 229 5.49 -15.74 0.64
N SER B 230 5.38 -15.29 -0.62
CA SER B 230 4.09 -14.84 -1.14
C SER B 230 3.08 -15.97 -1.20
N PHE B 231 3.56 -17.21 -1.35
CA PHE B 231 2.68 -18.37 -1.25
C PHE B 231 2.54 -18.86 0.19
N ALA B 232 3.55 -18.62 1.02
CA ALA B 232 3.48 -19.05 2.41
C ALA B 232 2.43 -18.27 3.18
N ARG B 233 2.27 -16.98 2.87
CA ARG B 233 1.22 -16.21 3.54
C ARG B 233 -0.16 -16.74 3.17
N LYS B 234 -0.36 -17.11 1.91
CA LYS B 234 -1.64 -17.66 1.49
C LYS B 234 -1.88 -19.04 2.08
N LEU B 235 -0.83 -19.84 2.21
CA LEU B 235 -0.97 -21.14 2.86
C LEU B 235 -1.31 -20.99 4.34
N ALA B 236 -0.73 -19.99 5.01
CA ALA B 236 -1.09 -19.73 6.40
C ALA B 236 -2.54 -19.25 6.52
N LYS B 237 -2.96 -18.36 5.61
CA LYS B 237 -4.34 -17.91 5.60
C LYS B 237 -5.30 -19.08 5.45
N ILE B 238 -5.00 -20.02 4.55
CA ILE B 238 -5.86 -21.18 4.40
C ILE B 238 -5.78 -22.08 5.63
N SER B 239 -4.58 -22.23 6.21
CA SER B 239 -4.43 -23.11 7.36
C SER B 239 -5.21 -22.62 8.57
N LYS B 240 -5.39 -21.30 8.70
CA LYS B 240 -6.06 -20.77 9.88
C LYS B 240 -7.47 -20.24 9.64
N HIS B 241 -7.87 -20.00 8.38
CA HIS B 241 -9.15 -19.34 8.11
C HIS B 241 -9.95 -19.92 6.95
N SER B 242 -9.41 -20.88 6.18
CA SER B 242 -10.06 -21.37 4.98
C SER B 242 -11.47 -21.86 5.30
N PRO B 243 -12.51 -21.26 4.72
CA PRO B 243 -13.87 -21.80 4.85
C PRO B 243 -14.17 -23.00 3.96
N VAL B 244 -13.17 -23.53 3.26
CA VAL B 244 -13.30 -24.72 2.43
C VAL B 244 -12.47 -25.87 2.98
N LEU B 245 -11.18 -25.63 3.23
CA LEU B 245 -10.33 -26.63 3.88
C LEU B 245 -10.82 -26.88 5.30
N GLY B 246 -10.83 -28.15 5.71
CA GLY B 246 -11.38 -28.55 6.97
C GLY B 246 -12.82 -29.01 6.91
N LYS B 247 -13.46 -28.85 5.76
CA LYS B 247 -14.78 -29.41 5.50
C LYS B 247 -14.56 -30.68 4.70
N ILE B 248 -14.99 -31.82 5.26
CA ILE B 248 -14.75 -33.12 4.63
C ILE B 248 -15.87 -33.33 3.63
N ASP B 249 -15.65 -32.84 2.41
CA ASP B 249 -16.60 -32.96 1.32
C ASP B 249 -15.86 -32.77 0.00
N THR B 250 -14.89 -33.64 -0.27
CA THR B 250 -14.06 -33.46 -1.46
C THR B 250 -14.89 -33.62 -2.73
N LYS B 251 -15.82 -34.56 -2.73
CA LYS B 251 -16.67 -34.77 -3.89
C LYS B 251 -17.51 -33.53 -4.20
N THR B 252 -18.03 -32.85 -3.17
CA THR B 252 -18.80 -31.63 -3.39
C THR B 252 -17.94 -30.55 -4.04
N ILE B 253 -16.70 -30.39 -3.59
CA ILE B 253 -15.80 -29.42 -4.22
C ILE B 253 -15.48 -29.83 -5.65
N ILE B 254 -15.31 -31.14 -5.88
CA ILE B 254 -15.04 -31.64 -7.23
C ILE B 254 -16.18 -31.26 -8.17
N ASP B 255 -17.42 -31.52 -7.74
CA ASP B 255 -18.57 -31.16 -8.56
C ASP B 255 -18.69 -29.65 -8.74
N TYR B 256 -18.41 -28.88 -7.68
CA TYR B 256 -18.44 -27.43 -7.79
C TYR B 256 -17.48 -26.94 -8.87
N VAL B 257 -16.24 -27.43 -8.83
CA VAL B 257 -15.25 -27.07 -9.86
C VAL B 257 -15.77 -27.47 -11.24
N SER B 258 -16.31 -28.69 -11.36
CA SER B 258 -16.86 -29.15 -12.63
C SER B 258 -17.92 -28.19 -13.18
N GLN B 259 -18.88 -27.80 -12.33
CA GLN B 259 -19.95 -26.91 -12.78
C GLN B 259 -19.43 -25.50 -13.03
N HIS B 260 -18.55 -24.99 -12.17
CA HIS B 260 -17.95 -23.67 -12.35
C HIS B 260 -17.35 -23.52 -13.74
N LYS B 261 -17.93 -22.61 -14.53
CA LYS B 261 -17.50 -22.43 -15.91
C LYS B 261 -16.01 -22.10 -16.01
N TYR B 262 -15.54 -21.12 -15.23
CA TYR B 262 -14.15 -20.69 -15.32
C TYR B 262 -13.20 -21.73 -14.73
N LEU B 263 -13.48 -22.18 -13.49
CA LEU B 263 -12.58 -23.07 -12.77
C LEU B 263 -12.34 -24.39 -13.50
N SER B 264 -13.37 -24.92 -14.16
CA SER B 264 -13.25 -26.23 -14.82
C SER B 264 -12.13 -26.23 -15.85
N ALA B 265 -11.91 -25.11 -16.55
CA ALA B 265 -10.85 -25.09 -17.54
C ALA B 265 -9.46 -25.05 -16.92
N ILE B 266 -9.33 -24.49 -15.71
CA ILE B 266 -8.03 -24.36 -15.04
C ILE B 266 -7.76 -25.50 -14.06
N LEU B 267 -8.78 -25.92 -13.31
CA LEU B 267 -8.59 -26.97 -12.30
C LEU B 267 -9.16 -28.28 -12.81
N GLN B 268 -8.30 -29.11 -13.36
CA GLN B 268 -8.68 -30.40 -13.93
C GLN B 268 -8.94 -31.44 -12.86
N ILE B 269 -9.86 -32.34 -13.15
CA ILE B 269 -10.15 -33.44 -12.25
C ILE B 269 -9.42 -34.67 -12.79
N ASN B 270 -9.06 -35.57 -11.89
CA ASN B 270 -8.35 -36.79 -12.27
C ASN B 270 -9.31 -37.76 -12.96
N GLU B 271 -8.73 -38.77 -13.63
CA GLU B 271 -9.53 -39.73 -14.37
C GLU B 271 -10.46 -40.53 -13.47
N ALA B 272 -10.19 -40.59 -12.16
CA ALA B 272 -11.11 -41.25 -11.25
C ALA B 272 -12.13 -40.30 -10.64
N GLY B 273 -11.90 -38.99 -10.71
CA GLY B 273 -12.85 -38.02 -10.24
C GLY B 273 -12.94 -37.87 -8.74
N ASP B 274 -11.89 -38.25 -8.00
CA ASP B 274 -11.89 -38.12 -6.55
C ASP B 274 -10.80 -37.22 -6.01
N LYS B 275 -9.84 -36.81 -6.83
CA LYS B 275 -8.77 -35.91 -6.42
C LYS B 275 -8.58 -34.83 -7.49
N LEU B 276 -7.72 -33.86 -7.18
CA LEU B 276 -7.47 -32.74 -8.06
C LEU B 276 -6.07 -32.82 -8.66
N LEU B 277 -5.91 -32.19 -9.81
CA LEU B 277 -4.65 -32.14 -10.55
C LEU B 277 -4.19 -30.69 -10.51
N ILE B 278 -3.28 -30.39 -9.60
CA ILE B 278 -2.79 -29.03 -9.37
C ILE B 278 -1.27 -29.12 -9.42
N LYS B 279 -0.70 -28.78 -10.56
CA LYS B 279 0.75 -28.82 -10.72
C LYS B 279 1.32 -27.49 -11.17
N THR B 280 0.66 -26.80 -12.10
CA THR B 280 1.17 -25.55 -12.65
C THR B 280 0.91 -24.40 -11.70
N LYS B 281 1.78 -23.37 -11.79
CA LYS B 281 1.66 -22.22 -10.90
C LYS B 281 0.31 -21.54 -11.01
N THR B 282 -0.22 -21.41 -12.23
CA THR B 282 -1.52 -20.78 -12.42
C THR B 282 -2.63 -21.59 -11.75
N SER B 283 -2.63 -22.90 -11.97
CA SER B 283 -3.59 -23.76 -11.31
C SER B 283 -3.43 -23.70 -9.79
N GLN B 284 -2.18 -23.64 -9.31
CA GLN B 284 -1.94 -23.47 -7.87
C GLN B 284 -2.58 -22.19 -7.35
N LYS B 285 -2.33 -21.07 -8.03
CA LYS B 285 -2.90 -19.80 -7.59
C LYS B 285 -4.42 -19.83 -7.59
N HIS B 286 -5.00 -20.48 -8.59
CA HIS B 286 -6.46 -20.55 -8.68
C HIS B 286 -7.03 -21.44 -7.57
N PHE B 287 -6.39 -22.58 -7.30
CA PHE B 287 -6.82 -23.43 -6.20
C PHE B 287 -6.68 -22.71 -4.86
N ILE B 288 -5.62 -21.92 -4.70
CA ILE B 288 -5.42 -21.15 -3.48
C ILE B 288 -6.57 -20.16 -3.28
N LYS B 289 -6.90 -19.40 -4.33
CA LYS B 289 -8.02 -18.49 -4.24
C LYS B 289 -9.36 -19.23 -4.15
N LEU B 290 -9.38 -20.52 -4.48
CA LEU B 290 -10.58 -21.33 -4.30
C LEU B 290 -10.80 -21.66 -2.83
N MET B 291 -9.79 -22.22 -2.16
CA MET B 291 -9.92 -22.49 -0.72
C MET B 291 -10.06 -21.21 0.09
N SER B 292 -9.72 -20.06 -0.49
CA SER B 292 -9.96 -18.78 0.17
C SER B 292 -11.38 -18.29 -0.01
N ASP B 293 -12.22 -19.05 -0.73
CA ASP B 293 -13.60 -18.66 -1.03
C ASP B 293 -13.67 -17.31 -1.74
N ASP B 294 -12.64 -17.01 -2.53
CA ASP B 294 -12.57 -15.75 -3.27
C ASP B 294 -13.40 -15.76 -4.55
N TYR B 295 -13.86 -16.92 -5.00
CA TYR B 295 -14.69 -17.02 -6.20
C TYR B 295 -16.13 -16.82 -5.80
N LEU B 296 -16.64 -15.61 -6.02
CA LEU B 296 -17.95 -15.22 -5.52
C LEU B 296 -18.83 -14.73 -6.67
N GLN B 297 -20.10 -15.11 -6.63
CA GLN B 297 -21.08 -14.70 -7.63
C GLN B 297 -22.07 -13.74 -7.00
N SER B 298 -22.43 -12.70 -7.75
CA SER B 298 -23.41 -11.74 -7.28
C SER B 298 -24.82 -12.29 -7.40
N ASP B 299 -25.62 -12.07 -6.36
CA ASP B 299 -27.03 -12.42 -6.41
C ASP B 299 -27.86 -11.38 -7.16
N LEU B 300 -27.22 -10.32 -7.64
CA LEU B 300 -27.88 -9.28 -8.42
C LEU B 300 -27.44 -9.31 -9.88
N THR B 301 -26.16 -9.09 -10.16
CA THR B 301 -25.66 -9.06 -11.52
C THR B 301 -25.32 -10.45 -12.06
N LYS B 302 -25.27 -11.47 -11.20
CA LYS B 302 -24.98 -12.84 -11.61
C LYS B 302 -23.66 -12.93 -12.37
N ILE B 303 -22.66 -12.17 -11.92
CA ILE B 303 -21.33 -12.20 -12.51
C ILE B 303 -20.36 -12.74 -11.48
N ILE B 304 -19.50 -13.65 -11.90
CA ILE B 304 -18.48 -14.20 -11.01
C ILE B 304 -17.30 -13.26 -10.97
N TYR B 305 -16.66 -13.14 -9.80
CA TYR B 305 -15.56 -12.21 -9.61
C TYR B 305 -14.43 -12.87 -8.85
N MET B 306 -13.32 -12.15 -8.73
CA MET B 306 -12.13 -12.60 -8.01
C MET B 306 -11.79 -11.58 -6.94
N SER B 307 -12.12 -11.88 -5.69
CA SER B 307 -11.91 -10.95 -4.58
C SER B 307 -10.46 -11.05 -4.09
N ILE B 308 -9.68 -10.01 -4.35
CA ILE B 308 -8.33 -9.95 -3.80
C ILE B 308 -8.37 -9.71 -2.30
N ALA B 309 -9.25 -8.83 -1.85
CA ALA B 309 -9.43 -8.52 -0.44
C ALA B 309 -10.91 -8.57 -0.12
N LYS B 310 -11.24 -9.21 1.00
CA LYS B 310 -12.62 -9.39 1.39
C LYS B 310 -12.73 -9.37 2.91
N ASP B 311 -13.96 -9.28 3.40
CA ASP B 311 -14.26 -9.27 4.82
C ASP B 311 -15.55 -10.04 5.04
N ARG B 312 -15.50 -11.01 5.95
CA ARG B 312 -16.73 -11.70 6.33
C ARG B 312 -17.69 -10.71 6.96
N LEU B 313 -18.96 -10.82 6.60
CA LEU B 313 -19.96 -9.84 6.97
C LEU B 313 -20.72 -10.18 8.24
N ASP B 314 -20.64 -11.44 8.71
CA ASP B 314 -21.48 -11.85 9.82
C ASP B 314 -21.16 -11.08 11.10
N GLU B 315 -19.96 -10.54 11.23
CA GLU B 315 -19.61 -9.67 12.35
C GLU B 315 -19.23 -8.27 11.88
#